data_5A5J
#
_entry.id   5A5J
#
_cell.length_a   91.290
_cell.length_b   91.290
_cell.length_c   169.370
_cell.angle_alpha   90.00
_cell.angle_beta   90.00
_cell.angle_gamma   120.00
#
_symmetry.space_group_name_H-M   'H 3'
#
loop_
_entity.id
_entity.type
_entity.pdbx_description
1 polymer 'CYTOCHROME P450 2C9'
2 non-polymer 'PROTOPORPHYRIN IX CONTAINING FE'
3 non-polymer N-[4-(3-chloranyl-4-cyano-phenoxy)-3,5-dimethoxy-phenyl]-1,1,1-tris(fluoranyl)methanesulfonamide
#
_entity_poly.entity_id   1
_entity_poly.type   'polypeptide(L)'
_entity_poly.pdbx_seq_one_letter_code
;MAKKTSSGRGKLPPGPTPLPVIGNILQIGIKDISKSLTNLSKVYGPVFTLYFGLKPIVVLHGYEAVKEALIDLGEEFSGR
GIFPLAERANRGFGIVFSNGKKWKEIRRFSLMTLRNFGMGKRSIEDRVQEEARCLVEELRKTKASPCDPTFILGCAPCNV
ICSIIFHKRFDYKDQQFLNLMEKLNENIKILSSPWIQICNNFSPIIDYFPGTHNKLLKNVAFMKSYILEKVKEHQESMDM
NNPQDFIDCFLMKMEKEKHNQPSEFTIESLENTAVDLFGAGTETTSTTLRYALLLLLKHPEVTAKVQEEIERVIGRNRSP
CMQDRSHMPYTDAVVHEVQRYIDLLPTSLPHAVTCDIKFRNYLIPKGTTILISLTSVLHDNKEFPNPEMFDPHHFLDEGG
NFKKSKYFMPFSAGKRICVGEALAGMELFLFLTSILQNFNLKSLVDPKNLDTTPVVNGFASVPPFYQLCFIPIHHHH
;
_entity_poly.pdbx_strand_id   A
#
# COMPACT_ATOMS: atom_id res chain seq x y z
N ARG A 9 2.78 1.01 37.64
CA ARG A 9 2.56 -0.22 36.81
C ARG A 9 3.03 -0.01 35.39
N GLY A 10 3.40 1.24 35.07
CA GLY A 10 3.60 1.67 33.69
C GLY A 10 3.66 3.20 33.47
N LYS A 11 4.79 3.67 32.91
CA LYS A 11 5.13 5.09 32.71
C LYS A 11 5.47 5.53 31.25
N LEU A 12 4.51 6.20 30.63
CA LEU A 12 4.63 6.69 29.24
C LEU A 12 5.71 7.76 29.10
N PRO A 13 6.11 8.11 27.87
CA PRO A 13 6.95 9.30 27.63
C PRO A 13 6.25 10.66 27.68
N PRO A 14 7.05 11.72 27.89
CA PRO A 14 6.50 13.06 28.05
C PRO A 14 5.98 13.54 26.74
N GLY A 15 4.98 14.41 26.75
CA GLY A 15 4.47 15.00 25.55
C GLY A 15 3.81 16.26 25.98
N PRO A 16 3.14 16.94 25.08
CA PRO A 16 2.45 18.17 25.42
C PRO A 16 1.28 17.82 26.31
N THR A 17 0.61 18.84 26.84
CA THR A 17 -0.53 18.61 27.71
C THR A 17 -1.71 18.28 26.80
N PRO A 18 -2.52 17.34 27.26
CA PRO A 18 -3.61 16.71 26.49
C PRO A 18 -4.45 17.56 25.54
N LEU A 19 -5.38 16.85 24.85
CA LEU A 19 -6.59 17.40 24.17
C LEU A 19 -6.43 17.76 22.67
N PRO A 20 -5.17 17.95 22.19
CA PRO A 20 -4.87 18.86 21.05
C PRO A 20 -5.01 18.24 19.63
N LEU A 26 -8.27 25.03 9.19
CA LEU A 26 -9.55 24.40 9.54
C LEU A 26 -9.42 22.93 9.22
N GLN A 27 -9.26 22.65 7.92
CA GLN A 27 -9.20 21.27 7.39
C GLN A 27 -7.78 20.65 7.49
N ILE A 28 -7.63 19.62 8.32
CA ILE A 28 -6.30 19.08 8.65
C ILE A 28 -6.11 17.65 8.06
N GLY A 29 -4.96 17.39 7.42
CA GLY A 29 -4.73 16.14 6.68
C GLY A 29 -3.55 15.34 7.19
N ILE A 30 -3.29 14.17 6.63
CA ILE A 30 -2.19 13.29 7.09
C ILE A 30 -0.82 13.97 6.90
N LYS A 31 -0.64 14.69 5.77
CA LYS A 31 0.65 15.34 5.47
C LYS A 31 0.89 16.39 6.54
N ASP A 32 -0.19 16.96 7.05
CA ASP A 32 -0.17 18.01 8.07
C ASP A 32 0.04 17.39 9.45
N ILE A 33 -0.63 16.28 9.73
CA ILE A 33 -0.42 15.62 11.01
C ILE A 33 1.07 15.23 11.14
N SER A 34 1.66 14.62 10.10
CA SER A 34 3.04 14.18 10.12
C SER A 34 4.03 15.35 10.25
N LYS A 35 3.60 16.53 9.81
CA LYS A 35 4.38 17.77 10.01
C LYS A 35 4.38 18.16 11.49
N SER A 36 3.20 18.09 12.10
CA SER A 36 3.01 18.50 13.47
C SER A 36 3.80 17.60 14.35
N LEU A 37 3.77 16.34 14.00
CA LEU A 37 4.55 15.34 14.70
C LEU A 37 6.08 15.62 14.65
N THR A 38 6.57 16.18 13.54
CA THR A 38 7.99 16.45 13.40
C THR A 38 8.36 17.64 14.29
N ASN A 39 7.54 18.72 14.20
CA ASN A 39 7.61 19.90 15.11
C ASN A 39 7.78 19.49 16.59
N LEU A 40 6.84 18.69 17.08
CA LEU A 40 6.97 18.10 18.39
C LEU A 40 8.26 17.21 18.59
N SER A 41 8.87 16.70 17.52
CA SER A 41 10.10 15.94 17.74
C SER A 41 11.16 16.93 18.18
N LYS A 42 11.11 18.13 17.59
CA LYS A 42 12.16 19.10 17.76
C LYS A 42 12.20 19.50 19.25
N VAL A 43 11.02 19.74 19.82
CA VAL A 43 10.84 19.99 21.26
C VAL A 43 11.17 18.82 22.21
N TYR A 44 10.49 17.70 22.03
CA TYR A 44 10.42 16.63 23.02
C TYR A 44 11.42 15.50 22.87
N GLY A 45 12.21 15.49 21.81
CA GLY A 45 13.12 14.40 21.49
C GLY A 45 12.50 13.41 20.53
N PRO A 46 13.07 12.21 20.36
CA PRO A 46 12.62 11.28 19.32
C PRO A 46 11.34 10.51 19.65
N VAL A 47 11.16 10.14 20.93
CA VAL A 47 9.97 9.43 21.41
C VAL A 47 9.16 10.26 22.40
N PHE A 48 7.89 10.43 22.09
CA PHE A 48 7.00 11.26 22.91
C PHE A 48 5.56 10.74 22.97
N THR A 49 4.65 11.43 23.67
CA THR A 49 3.25 10.95 23.86
C THR A 49 2.18 12.01 23.67
N LEU A 50 1.25 11.82 22.75
CA LEU A 50 0.06 12.65 22.65
C LEU A 50 -1.04 11.99 23.48
N TYR A 51 -1.80 12.79 24.23
CA TYR A 51 -3.01 12.26 24.84
C TYR A 51 -4.17 12.76 24.05
N PHE A 52 -5.32 12.14 24.28
CA PHE A 52 -6.54 12.43 23.55
C PHE A 52 -7.72 12.23 24.49
N GLY A 53 -7.73 13.10 25.52
CA GLY A 53 -8.45 12.85 26.76
C GLY A 53 -7.52 12.01 27.61
N LEU A 54 -7.82 10.70 27.64
CA LEU A 54 -6.99 9.72 28.35
C LEU A 54 -6.74 8.47 27.48
N LYS A 55 -6.80 8.63 26.14
CA LYS A 55 -6.18 7.67 25.19
C LYS A 55 -4.75 8.13 24.88
N PRO A 56 -3.78 7.50 25.52
CA PRO A 56 -2.38 7.78 25.19
C PRO A 56 -1.99 7.07 23.86
N ILE A 57 -1.42 7.87 22.96
CA ILE A 57 -0.83 7.41 21.69
C ILE A 57 0.63 7.79 21.73
N VAL A 58 1.52 6.86 22.07
CA VAL A 58 2.96 7.13 21.97
C VAL A 58 3.41 7.10 20.53
N VAL A 59 3.99 8.21 20.10
CA VAL A 59 4.52 8.38 18.74
C VAL A 59 6.02 8.10 18.74
N LEU A 60 6.50 7.68 17.57
CA LEU A 60 7.86 7.22 17.31
C LEU A 60 8.43 7.86 16.04
N HIS A 61 9.56 8.54 16.20
CA HIS A 61 10.15 9.40 15.17
C HIS A 61 11.65 9.25 14.90
N GLY A 62 12.03 9.18 13.62
CA GLY A 62 13.40 9.07 13.21
C GLY A 62 13.83 7.62 13.10
N TYR A 63 14.87 7.35 12.32
CA TYR A 63 15.27 5.96 12.06
C TYR A 63 15.63 5.15 13.33
N GLU A 64 16.35 5.73 14.29
CA GLU A 64 16.91 4.89 15.36
C GLU A 64 15.79 4.32 16.23
N ALA A 65 14.74 5.10 16.44
CA ALA A 65 13.61 4.67 17.27
C ALA A 65 12.71 3.65 16.60
N VAL A 66 12.42 3.89 15.32
CA VAL A 66 11.61 2.99 14.55
C VAL A 66 12.38 1.71 14.32
N LYS A 67 13.69 1.80 14.07
CA LYS A 67 14.48 0.57 13.90
C LYS A 67 14.43 -0.18 15.19
N GLU A 68 14.63 0.52 16.30
CA GLU A 68 14.83 -0.15 17.59
C GLU A 68 13.56 -0.91 17.90
N ALA A 69 12.44 -0.31 17.59
CA ALA A 69 11.16 -0.72 18.09
C ALA A 69 10.58 -1.80 17.23
N LEU A 70 10.35 -1.46 15.98
CA LEU A 70 9.78 -2.40 15.00
C LEU A 70 10.70 -3.58 14.68
N ILE A 71 12.01 -3.36 14.64
CA ILE A 71 12.92 -4.43 14.23
C ILE A 71 13.51 -5.15 15.40
N ASP A 72 14.25 -4.43 16.26
CA ASP A 72 14.95 -5.08 17.37
C ASP A 72 14.00 -5.46 18.49
N LEU A 73 12.80 -4.89 18.55
CA LEU A 73 11.77 -5.43 19.46
C LEU A 73 10.56 -5.77 18.63
N GLY A 74 10.80 -6.59 17.62
CA GLY A 74 9.81 -6.79 16.60
C GLY A 74 8.50 -7.37 17.08
N GLU A 75 8.57 -8.46 17.87
CA GLU A 75 7.37 -9.19 18.35
C GLU A 75 6.51 -8.29 19.25
N GLU A 76 7.17 -7.47 20.05
CA GLU A 76 6.50 -6.68 21.09
C GLU A 76 5.79 -5.49 20.44
N PHE A 77 6.15 -5.18 19.20
CA PHE A 77 5.51 -4.08 18.51
C PHE A 77 4.58 -4.43 17.36
N SER A 78 4.32 -5.72 17.13
CA SER A 78 3.45 -6.20 16.04
C SER A 78 1.93 -6.11 16.25
N GLY A 79 1.49 -5.43 17.29
CA GLY A 79 0.06 -5.26 17.50
C GLY A 79 -0.57 -4.26 16.55
N ARG A 80 -1.90 -4.30 16.48
CA ARG A 80 -2.62 -3.38 15.65
C ARG A 80 -3.42 -2.40 16.51
N GLY A 81 -3.13 -1.13 16.36
CA GLY A 81 -3.88 -0.09 17.01
C GLY A 81 -5.34 -0.16 16.60
N ILE A 82 -6.23 0.24 17.53
CA ILE A 82 -7.68 0.08 17.34
C ILE A 82 -8.21 1.06 16.29
N PHE A 83 -7.39 2.09 15.93
CA PHE A 83 -7.68 3.08 14.86
C PHE A 83 -8.53 4.24 15.50
N PRO A 84 -8.93 5.26 14.73
CA PRO A 84 -10.19 5.99 14.99
C PRO A 84 -11.49 5.24 15.56
N LEU A 85 -11.64 3.90 15.42
CA LEU A 85 -12.88 3.14 15.75
C LEU A 85 -12.70 1.58 15.59
N ALA A 86 -13.74 0.76 15.72
CA ALA A 86 -13.57 -0.70 15.57
C ALA A 86 -14.32 -1.35 14.38
N GLU A 87 -15.67 -1.28 14.44
CA GLU A 87 -16.66 -1.78 13.42
C GLU A 87 -17.25 -3.14 13.84
N ARG A 88 -18.55 -3.18 14.23
CA ARG A 88 -19.28 -4.40 14.70
C ARG A 88 -19.63 -5.37 13.52
N ALA A 89 -19.54 -4.85 12.29
CA ALA A 89 -19.37 -5.71 11.10
C ALA A 89 -17.99 -6.43 11.13
N ASN A 90 -17.27 -6.21 12.25
CA ASN A 90 -16.06 -6.94 12.70
C ASN A 90 -15.05 -7.33 11.62
N ARG A 91 -14.14 -6.39 11.34
CA ARG A 91 -13.13 -6.58 10.30
C ARG A 91 -11.80 -7.14 10.85
N GLY A 92 -11.75 -7.34 12.16
CA GLY A 92 -10.57 -7.85 12.85
C GLY A 92 -10.59 -9.36 12.97
N PHE A 93 -11.14 -10.02 11.96
CA PHE A 93 -10.87 -11.45 11.73
C PHE A 93 -10.05 -11.62 10.38
N GLY A 94 -9.61 -10.52 9.74
CA GLY A 94 -8.71 -10.52 8.56
C GLY A 94 -7.19 -10.45 8.81
N ILE A 95 -6.45 -9.56 8.14
CA ILE A 95 -5.05 -9.33 8.50
C ILE A 95 -4.87 -7.93 9.14
N VAL A 96 -5.42 -6.92 8.48
CA VAL A 96 -5.07 -5.54 8.71
C VAL A 96 -5.43 -5.25 10.15
N PHE A 97 -6.61 -5.69 10.54
CA PHE A 97 -7.18 -5.29 11.82
C PHE A 97 -7.33 -6.42 12.81
N SER A 98 -6.54 -7.47 12.65
CA SER A 98 -6.63 -8.71 13.43
C SER A 98 -5.42 -8.75 14.31
N ASN A 99 -5.30 -9.70 15.24
CA ASN A 99 -4.27 -9.60 16.31
C ASN A 99 -3.88 -10.90 16.95
N GLY A 100 -2.91 -10.83 17.84
CA GLY A 100 -2.35 -12.03 18.46
C GLY A 100 -2.15 -13.16 17.48
N LYS A 101 -3.01 -14.18 17.55
CA LYS A 101 -2.71 -15.47 16.92
C LYS A 101 -3.48 -15.74 15.60
N LYS A 102 -4.68 -15.21 15.50
CA LYS A 102 -5.38 -15.06 14.23
C LYS A 102 -4.42 -14.43 13.21
N TRP A 103 -3.86 -13.28 13.59
CA TRP A 103 -2.95 -12.57 12.76
C TRP A 103 -1.71 -13.43 12.47
N LYS A 104 -1.10 -14.01 13.49
CA LYS A 104 0.15 -14.75 13.26
C LYS A 104 0.00 -15.80 12.15
N GLU A 105 -1.11 -16.53 12.19
CA GLU A 105 -1.34 -17.73 11.36
C GLU A 105 -1.82 -17.40 9.97
N ILE A 106 -2.59 -16.36 9.86
CA ILE A 106 -3.20 -15.98 8.61
C ILE A 106 -2.25 -15.19 7.71
N ARG A 107 -1.58 -14.25 8.33
CA ARG A 107 -0.51 -13.51 7.71
C ARG A 107 0.53 -14.47 7.11
N ARG A 108 0.94 -15.47 7.91
CA ARG A 108 1.89 -16.49 7.46
C ARG A 108 1.40 -17.25 6.25
N PHE A 109 0.13 -17.56 6.29
CA PHE A 109 -0.50 -18.27 5.24
C PHE A 109 -0.51 -17.45 3.99
N SER A 110 -0.82 -16.17 4.16
CA SER A 110 -1.19 -15.32 3.07
C SER A 110 0.06 -14.95 2.37
N LEU A 111 1.01 -14.51 3.17
CA LEU A 111 2.41 -14.47 2.79
C LEU A 111 2.85 -15.53 1.74
N MET A 112 2.66 -16.79 2.11
CA MET A 112 3.21 -17.94 1.42
C MET A 112 2.41 -18.24 0.19
N THR A 113 1.15 -17.84 0.25
CA THR A 113 0.25 -18.03 -0.83
C THR A 113 0.63 -17.00 -1.87
N LEU A 114 1.00 -15.84 -1.37
CA LEU A 114 1.32 -14.69 -2.19
C LEU A 114 2.71 -14.85 -2.77
N ARG A 115 3.31 -16.01 -2.57
CA ARG A 115 4.64 -16.31 -3.08
C ARG A 115 4.72 -17.71 -3.67
N ASN A 116 3.57 -18.24 -4.07
CA ASN A 116 3.45 -19.41 -4.94
C ASN A 116 3.57 -20.76 -4.20
N PHE A 117 2.75 -20.92 -3.17
CA PHE A 117 2.78 -22.15 -2.39
C PHE A 117 1.37 -22.61 -2.20
N GLY A 118 1.04 -23.64 -2.98
CA GLY A 118 -0.28 -24.25 -3.01
C GLY A 118 -1.26 -23.36 -3.70
N MET A 119 -0.86 -22.78 -4.83
CA MET A 119 -1.66 -21.83 -5.62
C MET A 119 -1.49 -22.10 -7.10
N GLY A 120 -1.44 -23.37 -7.46
CA GLY A 120 -1.27 -23.75 -8.84
C GLY A 120 0.10 -23.40 -9.35
N LYS A 121 0.29 -23.64 -10.64
CA LYS A 121 1.63 -23.62 -11.21
C LYS A 121 1.98 -22.19 -11.64
N ARG A 122 1.02 -21.58 -12.35
CA ARG A 122 1.03 -20.17 -12.73
C ARG A 122 1.37 -19.28 -11.58
N SER A 123 2.30 -18.37 -11.82
CA SER A 123 2.83 -17.51 -10.79
C SER A 123 2.12 -16.14 -10.60
N ILE A 124 2.50 -15.45 -9.54
CA ILE A 124 2.10 -14.06 -9.35
C ILE A 124 2.75 -13.10 -10.39
N GLU A 125 3.98 -13.37 -10.80
CA GLU A 125 4.59 -12.58 -11.85
C GLU A 125 3.80 -12.74 -13.13
N ASP A 126 3.59 -13.98 -13.53
CA ASP A 126 2.65 -14.28 -14.58
C ASP A 126 1.50 -13.27 -14.59
N ARG A 127 0.78 -13.14 -13.48
CA ARG A 127 -0.49 -12.39 -13.47
C ARG A 127 -0.37 -10.87 -13.67
N VAL A 128 0.60 -10.23 -13.02
CA VAL A 128 0.76 -8.78 -13.15
C VAL A 128 1.16 -8.47 -14.61
N GLN A 129 1.73 -9.49 -15.26
CA GLN A 129 2.14 -9.42 -16.66
C GLN A 129 0.94 -9.47 -17.60
N GLU A 130 0.00 -10.37 -17.38
CA GLU A 130 -1.27 -10.40 -18.15
C GLU A 130 -2.03 -9.07 -18.06
N GLU A 131 -2.04 -8.48 -16.87
CA GLU A 131 -2.73 -7.23 -16.68
C GLU A 131 -1.92 -6.13 -17.31
N ALA A 132 -0.61 -6.18 -17.08
CA ALA A 132 0.29 -5.20 -17.65
C ALA A 132 -0.07 -5.00 -19.12
N ARG A 133 -0.35 -6.09 -19.83
CA ARG A 133 -0.72 -5.99 -21.24
C ARG A 133 -2.15 -5.48 -21.36
N CYS A 134 -3.10 -6.07 -20.63
CA CYS A 134 -4.47 -5.60 -20.74
C CYS A 134 -4.59 -4.13 -20.45
N LEU A 135 -3.56 -3.57 -19.79
CA LEU A 135 -3.54 -2.20 -19.36
C LEU A 135 -2.97 -1.29 -20.43
N VAL A 136 -2.01 -1.76 -21.20
CA VAL A 136 -1.50 -0.96 -22.33
C VAL A 136 -2.54 -0.93 -23.47
N GLU A 137 -3.13 -2.08 -23.77
CA GLU A 137 -4.29 -2.13 -24.65
C GLU A 137 -5.28 -1.02 -24.30
N GLU A 138 -5.69 -0.96 -23.06
CA GLU A 138 -6.72 -0.02 -22.68
C GLU A 138 -6.22 1.44 -22.79
N LEU A 139 -4.91 1.63 -22.66
CA LEU A 139 -4.33 2.98 -22.74
C LEU A 139 -4.15 3.48 -24.19
N ARG A 140 -4.27 2.57 -25.16
CA ARG A 140 -4.33 2.89 -26.59
C ARG A 140 -5.74 3.34 -26.99
N LYS A 141 -6.79 2.96 -26.24
CA LYS A 141 -8.14 3.43 -26.61
C LYS A 141 -8.35 4.97 -26.50
N THR A 142 -7.44 5.66 -25.79
CA THR A 142 -7.54 7.09 -25.54
C THR A 142 -6.97 7.92 -26.71
N LYS A 143 -6.32 7.20 -27.63
CA LYS A 143 -5.98 7.70 -28.95
C LYS A 143 -5.01 8.87 -28.96
N ALA A 144 -4.24 9.06 -27.90
CA ALA A 144 -3.35 10.23 -27.73
C ALA A 144 -4.04 11.42 -27.15
N SER A 145 -5.36 11.36 -27.05
CA SER A 145 -6.19 12.46 -26.53
C SER A 145 -6.16 12.52 -24.98
N PRO A 146 -6.30 13.71 -24.40
CA PRO A 146 -6.08 13.88 -22.96
C PRO A 146 -7.03 13.04 -22.13
N CYS A 147 -6.54 12.66 -20.95
CA CYS A 147 -6.93 11.47 -20.29
C CYS A 147 -6.53 11.54 -18.86
N ASP A 148 -7.47 11.28 -17.98
CA ASP A 148 -7.17 11.16 -16.56
C ASP A 148 -6.86 9.69 -16.22
N PRO A 149 -5.64 9.39 -15.79
CA PRO A 149 -5.25 8.00 -15.59
C PRO A 149 -5.92 7.33 -14.39
N THR A 150 -6.56 8.09 -13.49
CA THR A 150 -7.18 7.52 -12.29
C THR A 150 -7.98 6.21 -12.50
N PHE A 151 -8.93 6.20 -13.45
CA PHE A 151 -9.81 5.05 -13.56
C PHE A 151 -9.05 3.82 -14.01
N ILE A 152 -8.31 3.96 -15.11
CA ILE A 152 -7.52 2.87 -15.67
C ILE A 152 -6.46 2.39 -14.68
N LEU A 153 -5.76 3.32 -14.04
CA LEU A 153 -4.65 2.95 -13.17
C LEU A 153 -5.17 2.23 -11.91
N GLY A 154 -6.31 2.67 -11.36
CA GLY A 154 -6.98 1.95 -10.29
C GLY A 154 -7.53 0.55 -10.60
N CYS A 155 -7.87 0.32 -11.86
CA CYS A 155 -8.43 -0.93 -12.29
C CYS A 155 -7.43 -2.05 -12.31
N ALA A 156 -6.20 -1.74 -12.73
CA ALA A 156 -5.16 -2.76 -12.85
C ALA A 156 -4.87 -3.50 -11.52
N PRO A 157 -4.53 -2.77 -10.45
CA PRO A 157 -4.10 -3.44 -9.22
C PRO A 157 -5.24 -4.17 -8.59
N CYS A 158 -6.44 -3.69 -8.93
CA CYS A 158 -7.65 -4.26 -8.41
C CYS A 158 -7.86 -5.60 -9.07
N ASN A 159 -7.75 -5.59 -10.38
CA ASN A 159 -7.88 -6.80 -11.13
C ASN A 159 -6.85 -7.86 -10.78
N VAL A 160 -5.70 -7.46 -10.25
CA VAL A 160 -4.67 -8.45 -9.89
C VAL A 160 -5.12 -9.18 -8.64
N ILE A 161 -5.69 -8.44 -7.72
CA ILE A 161 -6.18 -9.06 -6.51
C ILE A 161 -7.34 -10.07 -6.85
N CYS A 162 -8.17 -9.72 -7.84
CA CYS A 162 -9.28 -10.61 -8.29
C CYS A 162 -8.67 -11.87 -8.74
N SER A 163 -7.62 -11.69 -9.51
CA SER A 163 -6.97 -12.79 -10.16
C SER A 163 -6.25 -13.74 -9.23
N ILE A 164 -5.63 -13.20 -8.19
CA ILE A 164 -4.91 -13.94 -7.14
C ILE A 164 -5.94 -14.71 -6.32
N ILE A 165 -7.09 -14.06 -6.16
CA ILE A 165 -8.15 -14.54 -5.32
C ILE A 165 -9.13 -15.44 -6.07
N PHE A 166 -9.64 -14.97 -7.21
CA PHE A 166 -10.57 -15.76 -8.05
C PHE A 166 -10.00 -16.46 -9.24
N HIS A 167 -8.87 -16.02 -9.75
CA HIS A 167 -8.30 -16.68 -10.92
C HIS A 167 -8.83 -16.12 -12.26
N LYS A 168 -9.80 -15.24 -12.21
CA LYS A 168 -10.16 -14.55 -13.43
C LYS A 168 -10.03 -13.06 -13.19
N ARG A 169 -9.11 -12.42 -13.90
CA ARG A 169 -9.27 -11.00 -14.20
C ARG A 169 -10.60 -10.77 -14.96
N PHE A 170 -10.86 -9.53 -15.36
CA PHE A 170 -12.16 -9.11 -15.86
C PHE A 170 -12.00 -8.03 -16.90
N ASP A 171 -12.62 -8.15 -18.05
CA ASP A 171 -12.56 -7.07 -19.03
C ASP A 171 -12.88 -5.86 -18.19
N TYR A 172 -12.47 -4.67 -18.62
CA TYR A 172 -12.68 -3.40 -17.86
C TYR A 172 -14.09 -2.79 -18.02
N LYS A 173 -15.02 -3.68 -18.42
CA LYS A 173 -16.40 -3.40 -18.77
C LYS A 173 -17.40 -4.36 -18.08
N ASP A 174 -16.96 -5.61 -17.76
CA ASP A 174 -17.72 -6.61 -17.00
C ASP A 174 -18.33 -5.95 -15.72
N GLN A 175 -19.67 -5.78 -15.65
CA GLN A 175 -20.34 -5.03 -14.55
C GLN A 175 -19.88 -5.44 -13.17
N GLN A 176 -19.83 -6.76 -12.97
CA GLN A 176 -19.27 -7.39 -11.79
C GLN A 176 -18.04 -6.64 -11.28
N PHE A 177 -17.20 -6.18 -12.22
CA PHE A 177 -16.00 -5.38 -11.93
C PHE A 177 -16.43 -3.97 -11.55
N LEU A 178 -17.03 -3.22 -12.49
CA LEU A 178 -17.42 -1.79 -12.25
C LEU A 178 -18.20 -1.60 -10.95
N ASN A 179 -18.74 -2.68 -10.37
CA ASN A 179 -19.48 -2.67 -9.11
C ASN A 179 -18.52 -2.76 -7.99
N LEU A 180 -17.70 -3.80 -8.05
CA LEU A 180 -16.62 -3.99 -7.09
C LEU A 180 -15.84 -2.70 -6.88
N MET A 181 -15.48 -2.04 -7.98
CA MET A 181 -14.59 -0.89 -7.94
C MET A 181 -15.34 0.40 -7.64
N GLU A 182 -16.64 0.43 -7.92
CA GLU A 182 -17.50 1.53 -7.44
C GLU A 182 -17.54 1.51 -5.89
N LYS A 183 -17.64 0.31 -5.31
CA LYS A 183 -17.72 0.16 -3.83
C LYS A 183 -16.41 0.52 -3.14
N LEU A 184 -15.26 0.17 -3.75
CA LEU A 184 -13.93 0.49 -3.24
C LEU A 184 -13.65 1.98 -3.25
N ASN A 185 -13.97 2.62 -4.39
CA ASN A 185 -13.92 4.08 -4.53
C ASN A 185 -14.84 4.92 -3.55
N GLU A 186 -15.88 4.27 -3.01
CA GLU A 186 -16.79 4.94 -2.08
C GLU A 186 -16.12 4.97 -0.74
N ASN A 187 -15.51 3.84 -0.41
CA ASN A 187 -14.77 3.71 0.83
C ASN A 187 -13.49 4.56 0.79
N ILE A 188 -13.04 4.89 -0.41
CA ILE A 188 -11.92 5.77 -0.59
C ILE A 188 -12.33 7.15 -0.25
N LYS A 189 -13.33 7.71 -0.97
CA LYS A 189 -13.69 9.11 -0.78
C LYS A 189 -13.88 9.22 0.73
N ILE A 190 -14.65 8.28 1.27
CA ILE A 190 -14.88 8.26 2.70
C ILE A 190 -13.59 8.34 3.52
N LEU A 191 -12.76 7.29 3.53
CA LEU A 191 -11.66 7.12 4.51
C LEU A 191 -10.52 8.15 4.35
N SER A 192 -10.38 8.69 3.14
CA SER A 192 -9.36 9.70 2.81
C SER A 192 -9.88 11.09 3.19
N SER A 193 -10.89 11.07 4.05
CA SER A 193 -11.50 12.23 4.71
C SER A 193 -10.56 12.98 5.63
N PRO A 194 -10.32 14.27 5.38
CA PRO A 194 -9.51 15.07 6.31
C PRO A 194 -10.08 15.04 7.75
N TRP A 195 -9.29 15.34 8.80
CA TRP A 195 -9.73 15.56 10.22
C TRP A 195 -10.12 17.06 10.57
N ILE A 196 -10.58 17.35 11.83
CA ILE A 196 -10.74 18.74 12.40
C ILE A 196 -10.49 18.87 13.93
N PRO A 204 -8.94 16.68 16.82
CA PRO A 204 -10.00 16.38 17.82
C PRO A 204 -10.98 15.26 17.44
N ILE A 205 -11.15 14.99 16.13
CA ILE A 205 -11.92 13.83 15.56
C ILE A 205 -11.87 13.88 14.01
N ILE A 206 -12.01 12.73 13.35
CA ILE A 206 -11.95 12.69 11.89
C ILE A 206 -13.22 13.39 11.33
N ASP A 207 -13.27 13.73 10.05
CA ASP A 207 -14.25 14.71 9.58
C ASP A 207 -15.61 14.12 9.47
N TYR A 208 -15.65 12.83 9.17
CA TYR A 208 -16.87 12.26 8.64
C TYR A 208 -17.71 11.57 9.70
N PHE A 209 -18.91 11.20 9.30
CA PHE A 209 -20.00 10.87 10.21
C PHE A 209 -21.36 10.94 9.48
N PRO A 210 -21.65 12.03 8.72
CA PRO A 210 -23.05 12.51 8.50
C PRO A 210 -24.14 11.56 7.90
N GLY A 211 -23.72 10.47 7.25
CA GLY A 211 -24.60 9.47 6.61
C GLY A 211 -23.75 8.55 5.72
N THR A 212 -22.65 8.10 6.31
CA THR A 212 -21.49 7.58 5.58
C THR A 212 -20.89 6.44 6.37
N HIS A 213 -20.99 6.51 7.69
CA HIS A 213 -20.74 5.36 8.55
C HIS A 213 -21.64 4.15 8.17
N ASN A 214 -22.83 4.39 7.62
CA ASN A 214 -23.71 3.29 7.22
C ASN A 214 -23.57 2.88 5.75
N LYS A 215 -23.02 3.78 4.91
CA LYS A 215 -22.62 3.46 3.53
C LYS A 215 -21.28 2.72 3.52
N LEU A 216 -20.53 2.85 4.60
CA LEU A 216 -19.30 2.10 4.81
C LEU A 216 -19.67 0.67 5.11
N LEU A 217 -20.48 0.47 6.14
CA LEU A 217 -21.04 -0.83 6.49
C LEU A 217 -21.79 -1.48 5.34
N LYS A 218 -22.64 -0.75 4.66
CA LYS A 218 -23.46 -1.38 3.65
C LYS A 218 -22.45 -1.99 2.71
N ASN A 219 -21.46 -1.19 2.32
CA ASN A 219 -20.48 -1.60 1.30
C ASN A 219 -19.57 -2.80 1.66
N VAL A 220 -19.08 -2.83 2.89
CA VAL A 220 -18.31 -3.97 3.37
C VAL A 220 -19.17 -5.23 3.27
N ALA A 221 -20.47 -5.15 3.63
CA ALA A 221 -21.39 -6.28 3.60
C ALA A 221 -21.58 -6.80 2.19
N PHE A 222 -21.58 -5.87 1.23
CA PHE A 222 -21.67 -6.20 -0.20
C PHE A 222 -20.45 -6.98 -0.65
N MET A 223 -19.31 -6.57 -0.12
CA MET A 223 -18.06 -7.14 -0.50
C MET A 223 -17.93 -8.53 0.02
N LYS A 224 -18.10 -8.72 1.33
CA LYS A 224 -18.11 -10.04 1.96
C LYS A 224 -19.08 -10.97 1.16
N SER A 225 -20.35 -10.58 1.11
CA SER A 225 -21.37 -11.23 0.30
C SER A 225 -20.87 -11.70 -1.07
N TYR A 226 -20.16 -10.85 -1.81
CA TYR A 226 -19.65 -11.21 -3.17
C TYR A 226 -18.47 -12.21 -3.23
N ILE A 227 -17.51 -12.04 -2.34
CA ILE A 227 -16.43 -13.01 -2.16
C ILE A 227 -17.05 -14.35 -1.83
N LEU A 228 -18.21 -14.30 -1.18
CA LEU A 228 -18.94 -15.49 -0.69
C LEU A 228 -19.70 -16.16 -1.84
N GLU A 229 -20.28 -15.36 -2.75
CA GLU A 229 -20.74 -15.85 -4.06
C GLU A 229 -19.66 -16.77 -4.70
N LYS A 230 -18.43 -16.27 -4.75
CA LYS A 230 -17.33 -16.96 -5.42
C LYS A 230 -16.74 -18.16 -4.62
N VAL A 231 -16.88 -18.09 -3.30
CA VAL A 231 -16.38 -19.09 -2.40
C VAL A 231 -17.21 -20.36 -2.53
N LYS A 232 -18.52 -20.15 -2.80
CA LYS A 232 -19.51 -21.24 -2.97
C LYS A 232 -19.13 -22.03 -4.24
N GLU A 233 -19.05 -21.31 -5.35
CA GLU A 233 -18.52 -21.83 -6.60
C GLU A 233 -17.21 -22.60 -6.45
N HIS A 234 -16.31 -22.17 -5.57
CA HIS A 234 -14.99 -22.81 -5.39
C HIS A 234 -15.08 -24.13 -4.60
N GLN A 235 -15.96 -24.16 -3.62
CA GLN A 235 -16.28 -25.35 -2.83
C GLN A 235 -17.01 -26.38 -3.65
N GLU A 236 -17.68 -25.94 -4.72
CA GLU A 236 -18.32 -26.86 -5.67
C GLU A 236 -17.20 -27.84 -6.15
N SER A 237 -16.03 -27.29 -6.51
CA SER A 237 -14.98 -28.10 -7.16
C SER A 237 -13.69 -28.40 -6.38
N MET A 238 -13.73 -28.59 -5.07
CA MET A 238 -12.46 -28.65 -4.31
C MET A 238 -11.69 -29.99 -4.39
N ASP A 239 -10.37 -29.95 -4.09
CA ASP A 239 -9.39 -30.91 -4.61
C ASP A 239 -7.91 -30.72 -4.13
N MET A 240 -7.56 -31.29 -2.98
CA MET A 240 -6.18 -31.33 -2.48
C MET A 240 -5.07 -31.15 -3.51
N ASN A 241 -5.21 -31.90 -4.60
CA ASN A 241 -4.08 -32.13 -5.50
C ASN A 241 -4.14 -31.18 -6.69
N ASN A 242 -5.00 -30.16 -6.55
CA ASN A 242 -5.01 -29.01 -7.46
C ASN A 242 -5.61 -27.69 -6.95
N PRO A 243 -4.98 -26.98 -6.02
CA PRO A 243 -5.25 -25.53 -5.84
C PRO A 243 -4.75 -24.65 -6.99
N GLN A 244 -5.51 -23.60 -7.34
CA GLN A 244 -5.12 -22.59 -8.34
C GLN A 244 -5.31 -21.07 -7.94
N ASP A 245 -5.84 -20.79 -6.75
CA ASP A 245 -5.97 -19.40 -6.30
C ASP A 245 -6.17 -19.32 -4.80
N PHE A 246 -6.15 -18.11 -4.26
CA PHE A 246 -6.19 -17.95 -2.80
C PHE A 246 -7.29 -18.75 -2.19
N ILE A 247 -8.49 -18.63 -2.74
CA ILE A 247 -9.69 -19.28 -2.15
C ILE A 247 -9.54 -20.82 -2.05
N ASP A 248 -9.23 -21.47 -3.18
CA ASP A 248 -8.86 -22.90 -3.23
C ASP A 248 -7.86 -23.27 -2.16
N CYS A 249 -6.75 -22.57 -2.17
CA CYS A 249 -5.62 -22.83 -1.31
C CYS A 249 -6.03 -22.77 0.17
N PHE A 250 -6.82 -21.75 0.47
CA PHE A 250 -7.28 -21.48 1.82
C PHE A 250 -8.17 -22.59 2.30
N LEU A 251 -9.11 -22.99 1.44
CA LEU A 251 -10.02 -24.09 1.74
C LEU A 251 -9.25 -25.39 2.01
N MET A 252 -8.17 -25.59 1.29
CA MET A 252 -7.31 -26.72 1.50
C MET A 252 -6.69 -26.66 2.91
N LYS A 253 -6.18 -25.50 3.36
CA LYS A 253 -5.66 -25.37 4.74
C LYS A 253 -6.78 -25.64 5.77
N MET A 254 -8.03 -25.32 5.43
CA MET A 254 -9.14 -25.61 6.34
C MET A 254 -9.37 -27.13 6.48
N GLU A 255 -9.08 -27.86 5.42
CA GLU A 255 -9.03 -29.31 5.49
C GLU A 255 -7.82 -29.84 6.30
N LYS A 256 -6.60 -29.47 5.93
CA LYS A 256 -5.44 -30.08 6.55
C LYS A 256 -5.50 -29.89 8.07
N GLU A 257 -6.10 -28.78 8.50
CA GLU A 257 -6.19 -28.38 9.91
C GLU A 257 -7.66 -28.39 10.38
N LYS A 258 -8.27 -29.57 10.29
CA LYS A 258 -9.55 -29.87 10.96
C LYS A 258 -9.25 -30.96 12.00
N HIS A 259 -10.25 -31.31 12.81
CA HIS A 259 -10.01 -32.03 14.06
C HIS A 259 -8.98 -31.26 14.91
N ASN A 260 -8.57 -30.07 14.45
CA ASN A 260 -7.75 -29.18 15.24
C ASN A 260 -8.56 -27.91 15.44
N GLN A 261 -9.86 -28.11 15.71
CA GLN A 261 -10.79 -27.03 16.12
C GLN A 261 -10.44 -26.56 17.54
N PRO A 262 -10.94 -25.37 17.94
CA PRO A 262 -11.45 -24.35 17.01
C PRO A 262 -10.30 -23.82 16.15
N SER A 263 -10.59 -23.32 14.94
CA SER A 263 -9.54 -22.82 14.05
C SER A 263 -9.64 -21.34 13.71
N GLU A 264 -8.45 -20.75 13.54
CA GLU A 264 -8.27 -19.44 12.92
C GLU A 264 -8.70 -19.44 11.47
N PHE A 265 -8.47 -20.55 10.78
CA PHE A 265 -8.88 -20.65 9.37
C PHE A 265 -10.33 -21.17 9.27
N THR A 266 -11.26 -20.24 9.10
CA THR A 266 -12.66 -20.56 8.92
C THR A 266 -13.18 -19.81 7.69
N ILE A 267 -14.47 -19.89 7.43
CA ILE A 267 -15.03 -19.11 6.36
C ILE A 267 -15.04 -17.65 6.79
N GLU A 268 -15.43 -17.42 8.05
CA GLU A 268 -15.50 -16.05 8.58
C GLU A 268 -14.15 -15.29 8.34
N SER A 269 -13.05 -16.01 8.38
CA SER A 269 -11.75 -15.41 8.20
C SER A 269 -11.36 -15.34 6.74
N LEU A 270 -11.72 -16.32 5.93
CA LEU A 270 -11.41 -16.27 4.51
C LEU A 270 -11.95 -14.99 3.91
N GLU A 271 -13.23 -14.78 4.17
CA GLU A 271 -13.99 -13.64 3.72
C GLU A 271 -13.33 -12.33 4.11
N ASN A 272 -12.97 -12.11 5.39
CA ASN A 272 -12.41 -10.80 5.79
C ASN A 272 -10.94 -10.68 5.35
N THR A 273 -10.28 -11.81 5.09
CA THR A 273 -8.92 -11.76 4.61
C THR A 273 -8.86 -11.31 3.16
N ALA A 274 -9.79 -11.74 2.33
CA ALA A 274 -9.88 -11.27 0.95
C ALA A 274 -10.31 -9.81 0.83
N VAL A 275 -11.27 -9.46 1.64
CA VAL A 275 -11.73 -8.11 1.66
C VAL A 275 -10.52 -7.29 2.01
N ASP A 276 -9.72 -7.82 2.91
CA ASP A 276 -8.50 -7.14 3.30
C ASP A 276 -7.55 -6.96 2.11
N LEU A 277 -7.38 -8.00 1.30
CA LEU A 277 -6.46 -7.96 0.20
C LEU A 277 -6.86 -6.92 -0.79
N PHE A 278 -8.14 -6.80 -1.11
CA PHE A 278 -8.58 -5.73 -2.00
C PHE A 278 -8.39 -4.38 -1.43
N GLY A 279 -8.67 -4.24 -0.15
CA GLY A 279 -8.59 -2.95 0.49
C GLY A 279 -7.19 -2.43 0.49
N ALA A 280 -6.30 -3.19 1.11
CA ALA A 280 -4.91 -2.81 1.17
C ALA A 280 -4.29 -2.71 -0.20
N GLY A 281 -4.74 -3.57 -1.10
CA GLY A 281 -3.98 -3.90 -2.28
C GLY A 281 -4.24 -2.97 -3.40
N THR A 282 -5.33 -2.22 -3.36
CA THR A 282 -5.67 -1.42 -4.53
C THR A 282 -5.26 0.05 -4.54
N GLU A 283 -5.72 0.85 -3.59
CA GLU A 283 -5.61 2.28 -3.75
C GLU A 283 -4.17 2.71 -3.42
N THR A 284 -3.53 2.01 -2.50
CA THR A 284 -2.13 2.24 -2.22
C THR A 284 -1.32 2.08 -3.51
N THR A 285 -1.64 1.04 -4.26
CA THR A 285 -0.93 0.80 -5.49
C THR A 285 -1.28 1.85 -6.57
N SER A 286 -2.57 2.09 -6.76
CA SER A 286 -3.04 2.87 -7.87
C SER A 286 -2.64 4.31 -7.64
N THR A 287 -2.73 4.73 -6.37
CA THR A 287 -2.29 6.08 -5.94
C THR A 287 -0.84 6.34 -6.28
N THR A 288 -0.01 5.33 -6.06
CA THR A 288 1.40 5.44 -6.38
C THR A 288 1.67 5.43 -7.85
N LEU A 289 1.01 4.55 -8.60
CA LEU A 289 0.97 4.67 -10.05
C LEU A 289 0.56 6.09 -10.52
N ARG A 290 -0.55 6.59 -10.01
CA ARG A 290 -0.97 7.94 -10.35
C ARG A 290 0.15 8.97 -10.07
N TYR A 291 0.77 8.87 -8.91
CA TYR A 291 1.85 9.76 -8.56
C TYR A 291 3.17 9.49 -9.36
N ALA A 292 3.40 8.23 -9.73
CA ALA A 292 4.56 7.90 -10.57
C ALA A 292 4.42 8.62 -11.91
N LEU A 293 3.26 8.55 -12.56
CA LEU A 293 3.11 9.26 -13.84
C LEU A 293 3.20 10.77 -13.75
N LEU A 294 2.55 11.33 -12.76
CA LEU A 294 2.57 12.76 -12.56
C LEU A 294 4.01 13.26 -12.47
N LEU A 295 4.86 12.52 -11.76
CA LEU A 295 6.21 12.93 -11.52
C LEU A 295 7.02 12.72 -12.78
N LEU A 296 6.55 11.81 -13.61
CA LEU A 296 7.21 11.57 -14.91
C LEU A 296 7.03 12.79 -15.84
N LEU A 297 5.88 13.42 -15.80
CA LEU A 297 5.69 14.60 -16.63
C LEU A 297 6.50 15.76 -16.11
N LYS A 298 6.54 15.92 -14.80
CA LYS A 298 7.13 17.09 -14.20
C LYS A 298 8.66 17.00 -14.30
N HIS A 299 9.17 15.85 -14.76
CA HIS A 299 10.61 15.57 -14.78
C HIS A 299 10.95 14.75 -16.06
N PRO A 300 11.00 15.53 -17.15
CA PRO A 300 11.08 14.96 -18.51
C PRO A 300 12.47 14.43 -18.84
N GLU A 301 13.46 14.85 -18.06
CA GLU A 301 14.81 14.36 -18.25
C GLU A 301 15.00 12.99 -17.61
N VAL A 302 14.16 12.68 -16.63
CA VAL A 302 14.25 11.41 -15.90
C VAL A 302 13.54 10.30 -16.66
N THR A 303 12.39 10.67 -17.18
CA THR A 303 11.56 9.81 -17.97
C THR A 303 12.36 9.38 -19.17
N ALA A 304 13.13 10.36 -19.71
CA ALA A 304 14.02 10.20 -20.88
C ALA A 304 15.00 9.04 -20.67
N LYS A 305 15.78 9.16 -19.60
CA LYS A 305 16.78 8.15 -19.21
C LYS A 305 16.06 6.77 -18.96
N VAL A 306 15.00 6.78 -18.16
CA VAL A 306 14.24 5.56 -17.90
C VAL A 306 13.92 4.84 -19.20
N GLN A 307 13.26 5.59 -20.09
CA GLN A 307 12.75 5.10 -21.36
C GLN A 307 13.90 4.54 -22.20
N GLU A 308 14.97 5.33 -22.23
CA GLU A 308 16.22 4.91 -22.84
C GLU A 308 16.67 3.58 -22.24
N GLU A 309 17.10 3.59 -20.96
CA GLU A 309 17.39 2.34 -20.20
C GLU A 309 16.48 1.10 -20.48
N ILE A 310 15.22 1.36 -20.84
CA ILE A 310 14.24 0.34 -21.19
C ILE A 310 14.48 -0.16 -22.61
N GLU A 311 14.91 0.75 -23.51
CA GLU A 311 15.40 0.41 -24.86
C GLU A 311 16.51 -0.62 -24.77
N ARG A 312 17.49 -0.30 -23.91
CA ARG A 312 18.83 -0.93 -23.94
C ARG A 312 18.78 -2.33 -23.45
N VAL A 313 17.68 -2.69 -22.78
CA VAL A 313 17.60 -3.92 -22.02
C VAL A 313 16.44 -4.84 -22.45
N ILE A 314 15.32 -4.24 -22.82
CA ILE A 314 14.04 -4.94 -23.05
C ILE A 314 13.47 -4.72 -24.46
N GLY A 315 13.87 -3.65 -25.16
CA GLY A 315 13.35 -3.34 -26.49
C GLY A 315 11.82 -3.34 -26.55
N ARG A 316 11.25 -3.46 -27.76
CA ARG A 316 9.81 -3.41 -27.95
C ARG A 316 9.16 -4.77 -28.25
N ASN A 317 9.88 -5.88 -28.30
CA ASN A 317 9.19 -7.15 -28.62
C ASN A 317 8.43 -7.63 -27.35
N ARG A 318 9.19 -8.18 -26.42
CA ARG A 318 8.66 -8.91 -25.26
C ARG A 318 8.06 -8.05 -24.13
N SER A 319 7.46 -8.76 -23.20
CA SER A 319 7.08 -8.22 -21.90
C SER A 319 8.32 -8.02 -20.95
N PRO A 320 8.36 -6.87 -20.29
CA PRO A 320 9.25 -6.66 -19.14
C PRO A 320 9.00 -7.70 -18.10
N CYS A 321 9.91 -7.77 -17.13
CA CYS A 321 9.97 -8.86 -16.16
C CYS A 321 10.97 -8.63 -14.99
N MET A 322 10.74 -9.32 -13.88
CA MET A 322 11.50 -9.07 -12.64
C MET A 322 13.00 -9.30 -12.74
N GLN A 323 13.42 -10.13 -13.68
CA GLN A 323 14.87 -10.32 -13.93
C GLN A 323 15.48 -9.02 -14.52
N ASP A 324 14.74 -8.27 -15.33
CA ASP A 324 15.31 -7.04 -15.89
C ASP A 324 15.49 -5.96 -14.87
N ARG A 325 14.85 -6.04 -13.70
CA ARG A 325 14.94 -4.95 -12.75
C ARG A 325 16.37 -4.80 -12.34
N SER A 326 17.04 -5.91 -12.10
CA SER A 326 18.43 -5.87 -11.63
C SER A 326 19.42 -5.41 -12.67
N HIS A 327 19.05 -5.36 -13.95
CA HIS A 327 19.91 -4.83 -15.02
C HIS A 327 19.57 -3.33 -15.24
N MET A 328 18.70 -2.80 -14.38
CA MET A 328 18.08 -1.47 -14.56
C MET A 328 18.22 -0.52 -13.37
N PRO A 329 19.46 -0.19 -13.00
CA PRO A 329 19.73 0.62 -11.79
C PRO A 329 19.04 1.97 -11.73
N TYR A 330 18.89 2.64 -12.86
CA TYR A 330 18.20 3.93 -12.95
C TYR A 330 16.68 3.81 -12.82
N THR A 331 16.10 2.73 -13.35
CA THR A 331 14.65 2.59 -13.34
C THR A 331 14.22 2.17 -11.96
N ASP A 332 15.02 1.31 -11.31
CA ASP A 332 14.69 0.78 -9.97
C ASP A 332 14.81 1.89 -8.91
N ALA A 333 15.75 2.78 -9.16
CA ALA A 333 15.94 3.96 -8.30
C ALA A 333 14.75 4.90 -8.41
N VAL A 334 14.28 5.15 -9.66
CA VAL A 334 13.14 6.02 -9.90
C VAL A 334 11.87 5.59 -9.14
N VAL A 335 11.62 4.29 -9.09
CA VAL A 335 10.44 3.75 -8.44
C VAL A 335 10.59 4.00 -6.98
N HIS A 336 11.77 3.64 -6.48
CA HIS A 336 12.07 3.76 -5.06
C HIS A 336 11.82 5.21 -4.65
N GLU A 337 12.40 6.11 -5.43
CA GLU A 337 12.28 7.53 -5.19
C GLU A 337 10.80 8.03 -5.36
N VAL A 338 10.09 7.68 -6.43
CA VAL A 338 8.64 7.88 -6.45
C VAL A 338 8.01 7.45 -5.08
N GLN A 339 8.38 6.28 -4.55
CA GLN A 339 7.79 5.71 -3.34
C GLN A 339 8.25 6.41 -2.08
N ARG A 340 9.46 6.94 -2.11
CA ARG A 340 10.00 7.66 -0.96
C ARG A 340 9.52 9.11 -0.97
N TYR A 341 9.34 9.71 -2.14
CA TYR A 341 9.13 11.15 -2.20
C TYR A 341 7.70 11.41 -1.76
N ILE A 342 6.79 10.66 -2.39
CA ILE A 342 5.39 10.89 -2.25
C ILE A 342 4.93 10.68 -0.82
N ASP A 343 5.57 9.77 -0.11
CA ASP A 343 5.25 9.47 1.27
C ASP A 343 3.82 8.97 1.41
N LEU A 344 3.43 8.04 0.56
CA LEU A 344 2.04 7.54 0.53
C LEU A 344 1.27 7.52 1.87
N LEU A 345 1.91 7.00 2.89
CA LEU A 345 1.28 6.75 4.15
C LEU A 345 2.20 7.27 5.25
N PRO A 346 2.12 8.57 5.51
CA PRO A 346 2.98 9.26 6.48
C PRO A 346 3.25 8.56 7.83
N THR A 347 2.27 7.79 8.30
CA THR A 347 2.33 7.26 9.66
C THR A 347 1.90 5.81 9.68
N SER A 348 2.20 5.11 8.58
CA SER A 348 1.81 3.73 8.40
C SER A 348 0.31 3.58 8.67
N LEU A 349 -0.01 2.41 9.21
CA LEU A 349 -1.20 2.23 10.00
C LEU A 349 -0.73 2.23 11.47
N PRO A 350 -1.64 2.43 12.42
CA PRO A 350 -1.25 2.59 13.83
C PRO A 350 -0.88 1.27 14.45
N HIS A 351 0.05 1.29 15.38
CA HIS A 351 0.51 0.07 15.96
C HIS A 351 -0.12 -0.06 17.32
N ALA A 352 0.40 -1.01 18.11
CA ALA A 352 0.00 -1.27 19.48
C ALA A 352 0.96 -2.32 19.96
N VAL A 353 1.48 -2.17 21.17
CA VAL A 353 2.38 -3.19 21.76
C VAL A 353 1.66 -4.45 22.21
N THR A 354 2.31 -5.62 22.10
CA THR A 354 1.61 -6.87 22.39
C THR A 354 1.52 -7.17 23.87
N CYS A 355 2.45 -6.63 24.65
CA CYS A 355 2.41 -6.74 26.12
C CYS A 355 3.13 -5.55 26.80
N ASP A 356 3.19 -5.53 28.14
CA ASP A 356 3.94 -4.47 28.85
C ASP A 356 5.38 -4.54 28.40
N ILE A 357 6.04 -3.42 28.14
CA ILE A 357 7.48 -3.46 27.77
C ILE A 357 8.35 -2.23 28.09
N LYS A 358 9.52 -2.52 28.63
CA LYS A 358 10.56 -1.54 28.82
C LYS A 358 11.22 -1.25 27.46
N PHE A 359 11.03 -0.04 26.94
CA PHE A 359 11.65 0.46 25.71
C PHE A 359 12.43 1.76 25.98
N ARG A 360 13.74 1.74 25.76
CA ARG A 360 14.59 2.79 26.30
C ARG A 360 14.32 3.10 27.83
N ASN A 361 13.81 4.30 28.16
CA ASN A 361 13.50 4.73 29.55
C ASN A 361 11.99 4.83 29.77
N TYR A 362 11.24 3.78 29.48
CA TYR A 362 9.79 3.85 29.62
C TYR A 362 9.19 2.47 29.67
N LEU A 363 8.17 2.30 30.54
CA LEU A 363 7.30 1.14 30.52
C LEU A 363 6.00 1.56 29.84
N ILE A 364 5.65 0.81 28.80
CA ILE A 364 4.48 1.05 28.00
C ILE A 364 3.55 -0.12 28.32
N PRO A 365 2.37 0.15 28.86
CA PRO A 365 1.43 -0.94 29.16
C PRO A 365 0.93 -1.62 27.88
N LYS A 366 0.78 -2.96 27.93
CA LYS A 366 0.02 -3.74 26.96
C LYS A 366 -1.15 -2.91 26.44
N GLY A 367 -1.42 -2.97 25.13
CA GLY A 367 -2.50 -2.21 24.57
C GLY A 367 -2.16 -0.85 24.03
N THR A 368 -1.21 -0.15 24.60
CA THR A 368 -0.94 1.24 24.18
C THR A 368 -0.73 1.40 22.67
N THR A 369 -1.44 2.36 22.08
CA THR A 369 -1.35 2.69 20.67
C THR A 369 -0.03 3.34 20.30
N ILE A 370 0.65 2.81 19.30
CA ILE A 370 1.93 3.35 18.84
C ILE A 370 1.71 3.90 17.48
N LEU A 371 2.27 5.06 17.20
CA LEU A 371 2.17 5.67 15.90
C LEU A 371 3.57 5.85 15.38
N ILE A 372 3.83 5.45 14.13
CA ILE A 372 5.17 5.48 13.50
C ILE A 372 5.21 6.54 12.42
N SER A 373 6.16 7.46 12.48
CA SER A 373 6.30 8.45 11.40
C SER A 373 7.20 7.94 10.30
N LEU A 374 6.60 7.27 9.31
CA LEU A 374 7.33 6.90 8.12
C LEU A 374 7.89 8.15 7.48
N THR A 375 7.18 9.30 7.49
CA THR A 375 7.73 10.57 6.94
C THR A 375 9.15 10.80 7.48
N SER A 376 9.23 10.77 8.80
CA SER A 376 10.49 10.93 9.50
C SER A 376 11.65 10.08 9.00
N VAL A 377 11.36 8.90 8.48
CA VAL A 377 12.40 7.94 8.10
C VAL A 377 12.71 7.93 6.61
N LEU A 378 11.71 8.07 5.76
CA LEU A 378 11.86 8.22 4.33
C LEU A 378 12.40 9.62 3.96
N HIS A 379 12.12 10.58 4.86
CA HIS A 379 12.47 11.98 4.61
C HIS A 379 13.60 12.52 5.52
N ASP A 380 14.48 11.61 5.93
CA ASP A 380 15.70 11.93 6.70
C ASP A 380 16.65 12.82 5.87
N ASN A 381 17.15 13.92 6.45
CA ASN A 381 18.00 14.90 5.74
C ASN A 381 19.48 14.53 5.66
N LYS A 382 19.93 13.60 6.52
CA LYS A 382 21.30 13.04 6.40
C LYS A 382 21.46 11.92 5.34
N GLU A 383 20.57 10.93 5.36
CA GLU A 383 20.60 9.75 4.45
C GLU A 383 20.10 10.13 3.04
N PHE A 384 19.13 11.05 3.01
CA PHE A 384 18.57 11.56 1.78
C PHE A 384 18.76 13.07 1.78
N PRO A 385 19.99 13.54 1.49
CA PRO A 385 20.28 14.99 1.51
C PRO A 385 19.30 15.66 0.59
N ASN A 386 18.96 16.91 0.85
CA ASN A 386 17.91 17.54 0.05
C ASN A 386 16.71 16.60 -0.19
N PRO A 387 15.95 16.25 0.87
CA PRO A 387 14.92 15.21 0.81
C PRO A 387 13.52 15.68 0.42
N GLU A 388 13.36 16.98 0.26
CA GLU A 388 12.10 17.59 -0.14
C GLU A 388 11.91 17.55 -1.65
N MET A 389 13.04 17.41 -2.35
CA MET A 389 13.16 17.37 -3.82
C MET A 389 13.19 15.92 -4.31
N PHE A 390 12.80 15.69 -5.56
CA PHE A 390 12.58 14.38 -6.09
C PHE A 390 13.74 14.11 -6.97
N ASP A 391 14.49 13.06 -6.69
CA ASP A 391 15.75 12.84 -7.37
C ASP A 391 16.16 11.35 -7.34
N PRO A 392 16.07 10.68 -8.48
CA PRO A 392 16.53 9.31 -8.56
C PRO A 392 17.86 9.09 -7.89
N HIS A 393 18.79 10.03 -7.97
CA HIS A 393 20.11 9.77 -7.39
C HIS A 393 20.14 9.58 -5.81
N HIS A 394 18.98 9.71 -5.16
CA HIS A 394 18.82 9.36 -3.76
C HIS A 394 18.96 7.86 -3.53
N PHE A 395 18.73 7.10 -4.60
CA PHE A 395 18.95 5.66 -4.59
C PHE A 395 20.09 5.23 -5.51
N LEU A 396 21.11 6.09 -5.66
CA LEU A 396 22.34 5.88 -6.51
C LEU A 396 23.69 6.29 -5.80
N ASP A 397 24.65 5.33 -5.68
CA ASP A 397 26.03 5.61 -5.24
C ASP A 397 26.66 6.65 -6.20
N GLU A 398 27.83 7.20 -5.84
CA GLU A 398 28.42 8.30 -6.63
C GLU A 398 28.76 7.82 -8.02
N GLY A 399 28.86 6.51 -8.23
CA GLY A 399 29.11 5.98 -9.56
C GLY A 399 27.91 5.70 -10.43
N GLY A 400 26.69 6.01 -9.99
CA GLY A 400 25.44 5.69 -10.70
C GLY A 400 24.97 4.23 -10.62
N ASN A 401 25.49 3.50 -9.62
CA ASN A 401 25.04 2.13 -9.31
C ASN A 401 23.83 2.20 -8.36
N PHE A 402 23.02 1.12 -8.27
CA PHE A 402 21.82 1.20 -7.42
C PHE A 402 22.13 1.04 -5.91
N LYS A 403 21.65 2.00 -5.13
CA LYS A 403 21.92 2.03 -3.69
C LYS A 403 20.68 1.64 -2.77
N LYS A 404 20.60 0.37 -2.38
CA LYS A 404 19.66 -0.12 -1.35
C LYS A 404 19.82 0.80 -0.09
N SER A 405 18.82 0.87 0.81
CA SER A 405 18.87 1.72 2.01
C SER A 405 17.98 1.28 3.22
N LYS A 406 18.62 0.88 4.30
CA LYS A 406 17.97 0.58 5.56
C LYS A 406 16.79 1.59 5.84
N TYR A 407 16.94 2.83 5.44
CA TYR A 407 15.88 3.85 5.54
C TYR A 407 14.66 3.82 4.48
N PHE A 408 14.51 2.74 3.69
CA PHE A 408 13.43 2.61 2.71
C PHE A 408 12.18 1.84 3.29
N MET A 409 11.21 2.56 3.80
CA MET A 409 10.07 1.95 4.42
C MET A 409 8.69 2.43 3.91
N PRO A 410 8.48 2.58 2.60
CA PRO A 410 7.11 2.81 2.16
C PRO A 410 6.14 1.76 2.76
N PHE A 411 6.64 0.57 3.07
CA PHE A 411 5.79 -0.54 3.45
C PHE A 411 5.92 -0.87 4.91
N SER A 412 6.72 -0.05 5.61
CA SER A 412 6.81 0.03 7.05
C SER A 412 7.98 -0.80 7.39
N ALA A 413 8.02 -1.31 8.62
CA ALA A 413 9.11 -2.24 8.95
C ALA A 413 8.68 -3.24 9.96
N GLY A 414 9.42 -4.30 10.04
CA GLY A 414 9.20 -5.27 11.09
C GLY A 414 8.14 -6.28 10.71
N LYS A 415 7.60 -6.94 11.73
CA LYS A 415 6.67 -8.03 11.61
C LYS A 415 5.32 -7.69 10.97
N ARG A 416 4.89 -6.43 11.00
CA ARG A 416 3.68 -5.95 10.28
C ARG A 416 4.01 -5.28 8.94
N ILE A 417 5.17 -5.58 8.38
CA ILE A 417 5.55 -4.99 7.09
C ILE A 417 4.50 -5.36 6.03
N CYS A 418 4.24 -4.46 5.07
CA CYS A 418 3.15 -4.65 4.11
C CYS A 418 3.25 -6.05 3.61
N VAL A 419 2.20 -6.83 3.78
CA VAL A 419 2.23 -8.17 3.27
C VAL A 419 2.27 -8.26 1.71
N GLY A 420 2.17 -7.15 1.01
CA GLY A 420 2.29 -7.17 -0.40
C GLY A 420 3.40 -6.28 -0.86
N GLU A 421 4.48 -6.19 -0.10
CA GLU A 421 5.70 -5.43 -0.52
C GLU A 421 6.25 -5.87 -1.89
N ALA A 422 6.24 -7.17 -2.12
CA ALA A 422 6.86 -7.77 -3.30
C ALA A 422 6.02 -7.61 -4.50
N LEU A 423 4.70 -7.82 -4.31
CA LEU A 423 3.65 -7.59 -5.33
C LEU A 423 3.45 -6.08 -5.58
N ALA A 424 3.46 -5.26 -4.56
CA ALA A 424 3.30 -3.85 -4.82
C ALA A 424 4.40 -3.50 -5.79
N GLY A 425 5.61 -3.90 -5.41
CA GLY A 425 6.81 -3.74 -6.19
C GLY A 425 6.79 -4.34 -7.57
N MET A 426 6.21 -5.51 -7.73
CA MET A 426 5.90 -6.02 -9.06
C MET A 426 4.97 -5.11 -9.91
N GLU A 427 3.83 -4.67 -9.38
CA GLU A 427 2.88 -3.89 -10.20
C GLU A 427 3.53 -2.52 -10.53
N LEU A 428 4.18 -1.90 -9.58
CA LEU A 428 4.84 -0.63 -9.89
C LEU A 428 5.82 -0.82 -11.05
N PHE A 429 6.56 -1.93 -11.03
CA PHE A 429 7.73 -1.99 -11.91
C PHE A 429 7.31 -2.48 -13.25
N LEU A 430 6.50 -3.53 -13.25
CA LEU A 430 6.00 -4.03 -14.51
C LEU A 430 5.10 -2.99 -15.16
N PHE A 431 4.10 -2.46 -14.46
CA PHE A 431 3.20 -1.56 -15.10
C PHE A 431 3.96 -0.34 -15.62
N LEU A 432 4.79 0.28 -14.81
CA LEU A 432 5.39 1.56 -15.23
C LEU A 432 6.26 1.45 -16.48
N THR A 433 7.08 0.39 -16.53
CA THR A 433 7.93 0.11 -17.69
C THR A 433 7.12 -0.23 -18.91
N SER A 434 6.07 -1.01 -18.73
CA SER A 434 5.21 -1.30 -19.83
C SER A 434 4.70 0.04 -20.37
N ILE A 435 4.27 0.92 -19.49
CA ILE A 435 3.67 2.13 -19.93
C ILE A 435 4.77 2.82 -20.68
N LEU A 436 5.99 2.81 -20.15
CA LEU A 436 7.05 3.58 -20.76
C LEU A 436 7.59 2.93 -22.04
N GLN A 437 7.26 1.68 -22.21
CA GLN A 437 7.69 0.90 -23.36
C GLN A 437 6.96 1.30 -24.59
N ASN A 438 5.68 1.62 -24.45
CA ASN A 438 4.78 1.77 -25.61
C ASN A 438 4.36 3.20 -25.90
N PHE A 439 4.75 4.14 -25.02
CA PHE A 439 4.26 5.50 -25.04
C PHE A 439 5.25 6.59 -24.55
N ASN A 440 5.43 7.67 -25.32
CA ASN A 440 5.89 8.94 -24.71
C ASN A 440 4.72 9.62 -23.93
N LEU A 441 5.05 10.49 -22.97
CA LEU A 441 4.04 11.13 -22.15
C LEU A 441 4.10 12.63 -22.28
N LYS A 442 2.95 13.21 -22.60
CA LYS A 442 2.83 14.59 -23.06
C LYS A 442 1.89 15.29 -22.07
N SER A 443 2.46 16.18 -21.28
CA SER A 443 1.63 16.94 -20.38
C SER A 443 1.04 18.15 -21.04
N LEU A 444 -0.26 18.26 -20.87
CA LEU A 444 -1.05 19.44 -21.25
C LEU A 444 -0.38 20.74 -20.75
N VAL A 445 -0.32 20.92 -19.43
CA VAL A 445 0.48 22.02 -18.85
C VAL A 445 1.98 21.87 -19.26
N ASP A 446 2.73 22.97 -19.27
CA ASP A 446 4.19 22.92 -19.50
C ASP A 446 4.82 22.44 -18.17
N PRO A 447 5.36 21.21 -18.10
CA PRO A 447 6.03 20.75 -16.89
C PRO A 447 6.51 21.88 -16.00
N LYS A 448 7.18 22.87 -16.56
CA LYS A 448 7.75 23.98 -15.77
C LYS A 448 6.84 24.53 -14.67
N ASN A 449 5.54 24.78 -14.90
CA ASN A 449 4.69 25.26 -13.78
C ASN A 449 3.65 24.25 -13.18
N LEU A 450 3.29 23.20 -13.92
CA LEU A 450 2.59 22.04 -13.32
C LEU A 450 2.78 21.85 -11.83
N ASP A 451 1.75 22.16 -11.05
CA ASP A 451 1.81 22.02 -9.58
C ASP A 451 1.61 20.56 -9.18
N THR A 452 2.47 20.01 -8.30
CA THR A 452 2.34 18.59 -7.86
C THR A 452 1.95 18.38 -6.40
N THR A 453 1.69 19.47 -5.70
CA THR A 453 1.46 19.50 -4.25
C THR A 453 0.21 18.68 -3.96
N PRO A 454 0.29 17.76 -3.01
CA PRO A 454 -0.76 16.75 -2.86
C PRO A 454 -1.95 17.32 -2.10
N VAL A 455 -3.11 16.76 -2.45
CA VAL A 455 -4.41 17.19 -1.97
C VAL A 455 -4.64 16.62 -0.59
N VAL A 456 -5.30 17.42 0.24
CA VAL A 456 -5.43 17.09 1.66
C VAL A 456 -6.22 15.79 1.86
N ASN A 457 -5.70 14.92 2.72
CA ASN A 457 -6.24 13.58 2.90
C ASN A 457 -6.14 13.06 4.33
N GLY A 458 -7.13 12.22 4.62
CA GLY A 458 -7.33 11.55 5.89
C GLY A 458 -6.27 10.57 6.28
N PHE A 459 -5.81 9.70 5.38
CA PHE A 459 -4.61 8.94 5.78
C PHE A 459 -3.46 8.72 4.80
N ALA A 460 -3.53 9.42 3.66
CA ALA A 460 -2.54 9.23 2.58
C ALA A 460 -2.15 10.43 1.72
N SER A 461 -0.92 10.42 1.24
CA SER A 461 -0.41 11.40 0.30
C SER A 461 -0.93 11.09 -1.07
N VAL A 462 -1.99 11.76 -1.48
CA VAL A 462 -2.60 11.59 -2.81
C VAL A 462 -2.27 12.74 -3.77
N PRO A 463 -2.06 12.47 -5.04
CA PRO A 463 -1.74 13.57 -5.93
C PRO A 463 -2.96 14.40 -6.45
N PRO A 464 -2.66 15.64 -6.84
CA PRO A 464 -3.57 16.45 -7.62
C PRO A 464 -4.07 15.78 -8.89
N PHE A 465 -5.18 16.34 -9.35
CA PHE A 465 -5.79 15.82 -10.53
C PHE A 465 -4.96 16.28 -11.73
N TYR A 466 -4.75 15.41 -12.72
CA TYR A 466 -3.99 15.82 -13.90
C TYR A 466 -4.38 15.05 -15.14
N GLN A 467 -3.95 15.54 -16.29
CA GLN A 467 -4.27 14.83 -17.51
C GLN A 467 -3.02 14.57 -18.28
N LEU A 468 -3.03 13.61 -19.17
CA LEU A 468 -1.85 13.41 -19.96
C LEU A 468 -2.18 12.68 -21.22
N CYS A 469 -1.32 12.83 -22.20
CA CYS A 469 -1.57 12.22 -23.45
C CYS A 469 -0.66 11.07 -23.52
N PHE A 470 -1.21 9.93 -23.89
CA PHE A 470 -0.43 8.71 -24.03
C PHE A 470 -0.18 8.53 -25.54
N ILE A 471 0.98 8.97 -26.00
CA ILE A 471 1.34 8.99 -27.42
C ILE A 471 2.18 7.75 -27.78
N PRO A 472 1.69 6.89 -28.68
CA PRO A 472 2.49 5.73 -29.19
C PRO A 472 3.88 6.05 -29.81
N ILE A 473 4.87 5.20 -29.53
CA ILE A 473 6.28 5.67 -29.28
C ILE A 473 7.13 6.18 -30.48
N HIS A 474 8.17 7.02 -30.25
CA HIS A 474 8.92 7.70 -31.37
C HIS A 474 10.23 8.48 -31.04
N HIS A 475 11.33 8.03 -31.69
CA HIS A 475 12.66 8.57 -31.44
C HIS A 475 13.30 9.11 -32.70
#